data_8FSS
#
_entry.id   8FSS
#
_cell.length_a   90.089
_cell.length_b   102.834
_cell.length_c   144.381
_cell.angle_alpha   90.00
_cell.angle_beta   90.00
_cell.angle_gamma   90.00
#
_symmetry.space_group_name_H-M   'I 2 2 2'
#
loop_
_entity.id
_entity.type
_entity.pdbx_description
1 polymer YejA
2 polymer 'Microcin C7'
3 water water
#
loop_
_entity_poly.entity_id
_entity_poly.type
_entity_poly.pdbx_seq_one_letter_code
_entity_poly.pdbx_strand_id
1 'polypeptide(L)'
;(MSE)QAIKESYAFAVLGEPRYAFNFNHFDYVNPAAPKGGQITLSALGTFDNFNRYALRGNPGARTEQLYDTLFTTSDDE
PGSYYPLIAESARYADDYSWVEVAINPRARFHDGSPITARDVEFTFQKF(MSE)TEGVPQFRLVYKGTTVKAIAPLTVRI
ELAKPGKED(MSE)LSLFSLPVFPEKYWKDHKLSDPLATPPLASGPYRVTSWKMGQNIVYSRVKDYWAANLPVNRGRWNF
DTIRYDYYLDDNVAFEAFKAGAFDLR(MSE)ENDAKNWATRYTGKNFDKKYIIKDEQKNESAQDTRWLAFNIQRPVFSDR
RVREAITLAFDFEW(MSE)NKALFYNAWSRTNSYFQNTEYAARNYPDAAELVLLAPMKKDLPSEVFTQIYQPPVSKGDGY
DRDNLLKADKLLNEAGWVLKGQQRVNATTGQPLSFELLLPASSNSQWVLPFQHSLQRLGIN(MSE)DIRKVDNSQITNR
(MSE)RSRDYD(MSE)(MSE)PRVWRA(MSE)PWPSSDLQIAWSSEYINSTYNAPGVQSPVIDSLINQIIAAQGNKEKLL
PLGRALDRVLTWNYY(MSE)LP(MSE)WY(MSE)AEDRLAWWDKFSQPAVRPIYSLGIDTWWYDVNKAAKLPSASKQGE
;
A
2 'polypeptide(L)' (FME)RTGNA(7MD) B
#
# COMPACT_ATOMS: atom_id res chain seq x y z
N LYS A 5 -32.00 -0.63 -4.53
CA LYS A 5 -31.90 -1.48 -5.71
C LYS A 5 -31.32 -0.68 -6.90
N GLU A 6 -31.27 0.65 -6.78
CA GLU A 6 -30.57 1.47 -7.78
C GLU A 6 -29.91 2.67 -7.10
N SER A 7 -28.62 2.85 -7.34
CA SER A 7 -27.89 3.90 -6.65
C SER A 7 -26.86 4.53 -7.58
N TYR A 8 -26.38 5.69 -7.14
CA TYR A 8 -25.34 6.46 -7.82
C TYR A 8 -24.07 6.54 -7.00
N ALA A 9 -24.04 5.87 -5.84
CA ALA A 9 -22.91 5.95 -4.91
C ALA A 9 -22.97 4.74 -4.00
N PHE A 10 -21.79 4.25 -3.60
CA PHE A 10 -21.68 3.03 -2.78
C PHE A 10 -20.62 3.21 -1.71
N ALA A 11 -20.74 2.44 -0.64
CA ALA A 11 -19.74 2.45 0.42
C ALA A 11 -19.66 1.04 0.98
N VAL A 12 -18.44 0.57 1.27
CA VAL A 12 -18.32 -0.81 1.73
C VAL A 12 -18.87 -0.94 3.15
N LEU A 13 -18.65 0.06 4.00
CA LEU A 13 -19.21 0.13 5.36
C LEU A 13 -20.01 1.42 5.49
N GLY A 14 -21.29 1.31 5.83
CA GLY A 14 -22.10 2.50 6.07
C GLY A 14 -22.59 3.18 4.79
N GLU A 15 -22.96 4.47 4.93
CA GLU A 15 -23.57 5.23 3.84
C GLU A 15 -22.58 6.18 3.19
N PRO A 16 -22.60 6.35 1.87
CA PRO A 16 -21.70 7.31 1.22
C PRO A 16 -21.96 8.72 1.71
N ARG A 17 -20.88 9.43 2.01
CA ARG A 17 -20.99 10.82 2.45
C ARG A 17 -21.63 11.72 1.40
N TYR A 18 -21.32 11.49 0.12
CA TYR A 18 -21.83 12.36 -0.93
C TYR A 18 -23.02 11.72 -1.64
N ALA A 19 -23.95 11.19 -0.86
CA ALA A 19 -25.10 10.51 -1.44
C ALA A 19 -26.16 11.48 -1.99
N PHE A 20 -26.15 12.74 -1.58
CA PHE A 20 -27.20 13.68 -1.95
C PHE A 20 -26.59 14.98 -2.44
N ASN A 21 -27.10 15.50 -3.57
CA ASN A 21 -26.74 16.83 -4.04
C ASN A 21 -25.23 16.93 -4.26
N PHE A 22 -24.66 15.93 -4.92
CA PHE A 22 -23.21 15.78 -5.04
C PHE A 22 -22.72 16.58 -6.24
N ASN A 23 -22.21 17.79 -6.00
CA ASN A 23 -21.67 18.61 -7.09
C ASN A 23 -20.16 18.56 -7.17
N HIS A 24 -19.47 18.43 -6.04
CA HIS A 24 -18.03 18.27 -5.97
C HIS A 24 -17.67 17.88 -4.54
N PHE A 25 -16.45 17.38 -4.39
CA PHE A 25 -15.98 16.98 -3.07
C PHE A 25 -15.82 18.21 -2.17
N ASP A 26 -15.85 17.95 -0.85
CA ASP A 26 -15.61 18.99 0.16
C ASP A 26 -14.19 19.49 0.13
N TYR A 27 -13.24 18.65 -0.31
CA TYR A 27 -11.81 18.96 -0.25
C TYR A 27 -11.24 19.51 -1.57
N VAL A 28 -12.08 20.10 -2.43
CA VAL A 28 -11.61 20.72 -3.65
C VAL A 28 -12.10 22.16 -3.70
N ASN A 29 -11.40 22.95 -4.50
CA ASN A 29 -11.88 24.25 -4.96
C ASN A 29 -12.48 24.03 -6.35
N PRO A 30 -13.81 24.03 -6.49
CA PRO A 30 -14.38 23.79 -7.82
C PRO A 30 -13.93 24.79 -8.88
N ALA A 31 -13.57 26.01 -8.47
CA ALA A 31 -13.12 27.02 -9.41
C ALA A 31 -11.62 26.97 -9.65
N ALA A 32 -10.95 25.85 -9.37
CA ALA A 32 -9.50 25.81 -9.46
C ALA A 32 -9.04 26.05 -10.90
N PRO A 33 -8.10 26.96 -11.13
CA PRO A 33 -7.63 27.24 -12.50
C PRO A 33 -6.72 26.14 -13.04
N LYS A 34 -6.78 25.96 -14.36
CA LYS A 34 -5.93 25.00 -15.06
C LYS A 34 -4.61 25.64 -15.48
N GLY A 35 -3.58 24.82 -15.64
CA GLY A 35 -2.31 25.29 -16.17
C GLY A 35 -1.15 24.97 -15.24
N GLY A 36 0.05 25.20 -15.77
CA GLY A 36 1.26 25.07 -14.99
C GLY A 36 1.78 23.63 -14.90
N GLN A 37 2.97 23.50 -14.33
CA GLN A 37 3.64 22.22 -14.19
C GLN A 37 3.89 21.93 -12.70
N ILE A 38 3.75 20.66 -12.31
CA ILE A 38 4.30 20.18 -11.05
C ILE A 38 5.32 19.09 -11.38
N THR A 39 6.51 19.20 -10.81
CA THR A 39 7.58 18.22 -11.03
C THR A 39 7.80 17.44 -9.73
N LEU A 40 7.77 16.12 -9.83
CA LEU A 40 7.89 15.23 -8.69
C LEU A 40 9.11 14.33 -8.86
N SER A 41 9.58 13.81 -7.73
CA SER A 41 10.66 12.83 -7.70
C SER A 41 10.09 11.44 -7.53
N ALA A 42 10.85 10.45 -8.02
CA ALA A 42 10.63 9.05 -7.75
C ALA A 42 11.98 8.43 -7.48
N LEU A 43 12.00 7.40 -6.63
CA LEU A 43 13.25 6.73 -6.28
C LEU A 43 13.39 5.43 -7.06
N GLY A 44 14.59 5.16 -7.53
CA GLY A 44 14.91 3.88 -8.18
C GLY A 44 14.93 4.02 -9.69
N THR A 45 14.14 3.19 -10.37
CA THR A 45 14.11 3.21 -11.83
C THR A 45 12.79 2.62 -12.29
N PHE A 46 12.58 2.63 -13.60
CA PHE A 46 11.42 2.00 -14.20
C PHE A 46 11.85 1.51 -15.58
N ASP A 47 11.14 0.52 -16.10
CA ASP A 47 11.52 0.00 -17.40
C ASP A 47 10.34 -0.32 -18.32
N ASN A 48 9.10 -0.03 -17.89
CA ASN A 48 7.96 -0.30 -18.76
C ASN A 48 6.73 0.42 -18.21
N PHE A 49 5.66 0.40 -19.00
CA PHE A 49 4.47 1.22 -18.71
C PHE A 49 3.25 0.42 -18.28
N ASN A 50 3.38 -0.90 -18.11
CA ASN A 50 2.24 -1.76 -17.81
C ASN A 50 2.29 -2.16 -16.33
N ARG A 51 1.48 -1.50 -15.52
CA ARG A 51 1.39 -1.77 -14.11
C ARG A 51 0.86 -3.14 -13.77
N TYR A 52 0.22 -3.79 -14.72
CA TYR A 52 -0.47 -5.05 -14.47
C TYR A 52 0.31 -6.28 -14.96
N ALA A 53 1.51 -6.11 -15.48
CA ALA A 53 2.28 -7.24 -16.01
C ALA A 53 2.74 -8.18 -14.88
N LEU A 54 3.26 -9.35 -15.29
CA LEU A 54 3.83 -10.30 -14.33
C LEU A 54 5.25 -9.92 -13.93
N ARG A 55 5.94 -9.13 -14.74
CA ARG A 55 7.33 -8.76 -14.47
C ARG A 55 7.50 -7.27 -14.75
N GLY A 56 8.67 -6.76 -14.41
CA GLY A 56 9.05 -5.42 -14.80
C GLY A 56 8.92 -4.42 -13.65
N ASN A 57 9.38 -3.25 -13.90
CA ASN A 57 9.34 -2.20 -12.96
C ASN A 57 8.52 -1.09 -13.59
N PRO A 58 7.26 -0.98 -13.23
CA PRO A 58 6.35 -0.03 -13.88
C PRO A 58 6.64 1.42 -13.51
N GLY A 59 6.41 2.31 -14.48
CA GLY A 59 6.70 3.72 -14.28
C GLY A 59 5.76 4.39 -13.28
N ALA A 60 6.23 5.52 -12.73
CA ALA A 60 5.42 6.31 -11.81
C ALA A 60 4.08 6.67 -12.45
N ARG A 61 3.01 6.55 -11.65
CA ARG A 61 1.63 6.90 -11.99
C ARG A 61 0.98 5.96 -13.01
N THR A 62 1.65 4.85 -13.39
CA THR A 62 1.07 3.99 -14.42
C THR A 62 -0.07 3.16 -13.87
N GLU A 63 -0.42 3.30 -12.60
CA GLU A 63 -1.65 2.71 -12.07
C GLU A 63 -2.84 3.66 -12.25
N GLN A 64 -2.63 4.86 -12.80
CA GLN A 64 -3.68 5.85 -13.03
C GLN A 64 -3.79 6.22 -14.51
N LEU A 65 -3.40 5.31 -15.41
CA LEU A 65 -3.55 5.60 -16.85
C LEU A 65 -5.01 5.56 -17.28
N TYR A 66 -5.86 4.79 -16.57
CA TYR A 66 -7.23 4.49 -17.00
C TYR A 66 -8.28 4.97 -16.01
N ASP A 67 -9.36 5.55 -16.53
CA ASP A 67 -10.54 5.70 -15.70
C ASP A 67 -11.16 4.35 -15.41
N THR A 68 -11.98 4.31 -14.37
CA THR A 68 -12.65 3.13 -13.86
C THR A 68 -14.16 3.40 -13.85
N LEU A 69 -14.93 2.34 -13.54
CA LEU A 69 -16.39 2.46 -13.52
C LEU A 69 -16.86 3.46 -12.45
N PHE A 70 -16.42 3.27 -11.20
CA PHE A 70 -16.61 4.23 -10.12
C PHE A 70 -15.24 4.54 -9.55
N THR A 71 -15.14 5.69 -8.87
CA THR A 71 -13.89 6.11 -8.28
C THR A 71 -14.13 6.49 -6.82
N THR A 72 -13.13 6.24 -5.98
CA THR A 72 -13.30 6.42 -4.54
C THR A 72 -13.05 7.88 -4.15
N SER A 73 -13.78 8.36 -3.14
CA SER A 73 -13.42 9.64 -2.56
C SER A 73 -12.22 9.46 -1.63
N ASP A 74 -11.55 10.57 -1.36
CA ASP A 74 -10.34 10.56 -0.54
C ASP A 74 -10.57 10.96 0.91
N ASP A 75 -11.80 11.35 1.28
CA ASP A 75 -12.11 11.70 2.68
C ASP A 75 -12.97 10.64 3.35
N GLU A 76 -13.02 9.43 2.77
CA GLU A 76 -13.79 8.31 3.28
C GLU A 76 -12.99 7.03 3.08
N PRO A 77 -13.16 6.04 3.96
CA PRO A 77 -12.34 4.82 3.83
C PRO A 77 -12.62 4.03 2.55
N GLY A 78 -13.87 3.99 2.09
CA GLY A 78 -14.20 3.18 0.92
C GLY A 78 -15.55 3.48 0.32
N SER A 79 -15.70 4.65 -0.27
CA SER A 79 -16.94 5.09 -0.91
C SER A 79 -16.68 5.37 -2.40
N TYR A 80 -17.65 5.00 -3.25
CA TYR A 80 -17.49 4.94 -4.70
C TYR A 80 -18.51 5.85 -5.38
N TYR A 81 -18.05 6.61 -6.38
CA TYR A 81 -18.86 7.62 -7.05
C TYR A 81 -18.69 7.50 -8.56
N PRO A 82 -19.67 8.01 -9.34
CA PRO A 82 -19.68 7.71 -10.78
C PRO A 82 -18.48 8.27 -11.52
N LEU A 83 -17.91 7.44 -12.40
CA LEU A 83 -16.88 7.93 -13.33
C LEU A 83 -17.27 7.48 -14.74
N ILE A 84 -16.74 6.34 -15.20
CA ILE A 84 -17.19 5.82 -16.49
C ILE A 84 -18.65 5.37 -16.37
N ALA A 85 -19.03 4.86 -15.21
CA ALA A 85 -20.41 4.46 -14.97
C ALA A 85 -21.25 5.67 -14.53
N GLU A 86 -22.55 5.63 -14.84
CA GLU A 86 -23.47 6.62 -14.30
C GLU A 86 -24.15 6.15 -13.02
N SER A 87 -24.50 4.87 -12.98
CA SER A 87 -25.38 4.35 -11.94
C SER A 87 -25.30 2.83 -11.99
N ALA A 88 -25.91 2.19 -11.00
CA ALA A 88 -25.98 0.74 -11.05
C ALA A 88 -27.26 0.26 -10.37
N ARG A 89 -27.79 -0.84 -10.90
CA ARG A 89 -28.85 -1.60 -10.26
C ARG A 89 -28.23 -2.85 -9.64
N TYR A 90 -28.80 -3.31 -8.51
CA TYR A 90 -28.11 -4.38 -7.80
C TYR A 90 -29.06 -5.08 -6.84
N ALA A 91 -28.69 -6.33 -6.53
CA ALA A 91 -29.33 -7.10 -5.49
C ALA A 91 -29.00 -6.56 -4.09
N ASP A 92 -29.93 -6.80 -3.14
CA ASP A 92 -29.71 -6.48 -1.73
C ASP A 92 -28.35 -6.95 -1.22
N ASP A 93 -27.93 -8.16 -1.62
CA ASP A 93 -26.69 -8.74 -1.10
C ASP A 93 -25.48 -8.41 -1.98
N TYR A 94 -25.65 -7.52 -2.96
CA TYR A 94 -24.59 -7.09 -3.87
C TYR A 94 -23.97 -8.26 -4.64
N SER A 95 -24.67 -9.39 -4.76
CA SER A 95 -24.10 -10.52 -5.50
C SER A 95 -24.30 -10.39 -7.01
N TRP A 96 -25.14 -9.47 -7.46
CA TRP A 96 -25.14 -9.12 -8.87
C TRP A 96 -25.41 -7.63 -8.97
N VAL A 97 -24.87 -7.04 -10.03
CA VAL A 97 -25.01 -5.62 -10.28
C VAL A 97 -25.02 -5.42 -11.80
N GLU A 98 -25.87 -4.50 -12.25
CA GLU A 98 -25.95 -4.08 -13.66
C GLU A 98 -25.53 -2.62 -13.71
N VAL A 99 -24.41 -2.35 -14.38
CA VAL A 99 -23.81 -1.02 -14.38
C VAL A 99 -24.13 -0.32 -15.70
N ALA A 100 -24.67 0.91 -15.61
CA ALA A 100 -24.97 1.73 -16.78
C ALA A 100 -23.76 2.58 -17.14
N ILE A 101 -23.24 2.38 -18.36
CA ILE A 101 -22.05 3.07 -18.84
C ILE A 101 -22.43 4.45 -19.38
N ASN A 102 -21.66 5.48 -19.02
CA ASN A 102 -21.91 6.83 -19.55
C ASN A 102 -21.72 6.81 -21.08
N PRO A 103 -22.71 7.21 -21.87
CA PRO A 103 -22.53 7.21 -23.34
C PRO A 103 -21.55 8.26 -23.85
N ARG A 104 -21.11 9.19 -23.00
CA ARG A 104 -20.09 10.16 -23.38
C ARG A 104 -18.67 9.65 -23.11
N ALA A 105 -18.51 8.48 -22.47
CA ALA A 105 -17.20 7.97 -22.09
C ALA A 105 -16.35 7.65 -23.33
N ARG A 106 -15.10 8.09 -23.31
CA ARG A 106 -14.19 7.99 -24.46
C ARG A 106 -12.79 7.61 -24.01
N PHE A 107 -12.10 6.84 -24.85
CA PHE A 107 -10.67 6.69 -24.77
C PHE A 107 -10.00 7.90 -25.44
N HIS A 108 -8.68 7.98 -25.26
CA HIS A 108 -7.91 9.13 -25.70
C HIS A 108 -7.97 9.33 -27.22
N ASP A 109 -8.24 8.27 -27.98
CA ASP A 109 -8.35 8.38 -29.44
C ASP A 109 -9.74 8.80 -29.90
N GLY A 110 -10.61 9.23 -28.97
CA GLY A 110 -11.97 9.60 -29.32
C GLY A 110 -12.93 8.45 -29.51
N SER A 111 -12.52 7.17 -29.28
CA SER A 111 -13.47 6.11 -29.49
C SER A 111 -14.26 5.80 -28.20
N PRO A 112 -15.48 5.26 -28.33
CA PRO A 112 -16.33 5.07 -27.15
C PRO A 112 -15.83 3.95 -26.23
N ILE A 113 -16.08 4.14 -24.94
CA ILE A 113 -15.91 3.08 -23.95
C ILE A 113 -17.26 2.41 -23.76
N THR A 114 -17.33 1.12 -24.06
CA THR A 114 -18.60 0.41 -24.07
C THR A 114 -18.59 -0.74 -23.08
N ALA A 115 -19.78 -1.34 -22.90
CA ALA A 115 -19.89 -2.50 -22.02
C ALA A 115 -18.97 -3.62 -22.49
N ARG A 116 -18.80 -3.77 -23.82
CA ARG A 116 -17.92 -4.83 -24.35
C ARG A 116 -16.47 -4.62 -23.88
N ASP A 117 -16.03 -3.37 -23.78
CA ASP A 117 -14.70 -3.12 -23.24
C ASP A 117 -14.58 -3.62 -21.80
N VAL A 118 -15.64 -3.48 -21.00
CA VAL A 118 -15.58 -3.92 -19.59
C VAL A 118 -15.55 -5.44 -19.52
N GLU A 119 -16.35 -6.11 -20.37
CA GLU A 119 -16.34 -7.56 -20.42
C GLU A 119 -14.99 -8.10 -20.90
N PHE A 120 -14.48 -7.52 -22.00
CA PHE A 120 -13.14 -7.86 -22.47
C PHE A 120 -12.12 -7.69 -21.34
N THR A 121 -12.22 -6.57 -20.60
CA THR A 121 -11.20 -6.29 -19.59
C THR A 121 -11.20 -7.35 -18.49
N PHE A 122 -12.39 -7.73 -18.00
CA PHE A 122 -12.46 -8.75 -16.96
C PHE A 122 -11.84 -10.07 -17.43
N GLN A 123 -12.16 -10.49 -18.67
CA GLN A 123 -11.60 -11.75 -19.18
C GLN A 123 -10.09 -11.65 -19.40
N LYS A 124 -9.62 -10.45 -19.74
CA LYS A 124 -8.18 -10.22 -19.89
C LYS A 124 -7.45 -10.45 -18.56
N PHE A 125 -7.99 -9.89 -17.46
CA PHE A 125 -7.40 -10.12 -16.13
C PHE A 125 -7.50 -11.58 -15.70
N THR A 127 -7.43 -14.29 -17.47
CA THR A 127 -6.62 -15.20 -18.29
C THR A 127 -5.17 -14.76 -18.46
N GLU A 128 -4.88 -13.47 -18.36
CA GLU A 128 -3.50 -13.00 -18.49
C GLU A 128 -3.04 -12.15 -17.31
N GLY A 129 -3.88 -11.95 -16.29
CA GLY A 129 -3.53 -11.10 -15.15
C GLY A 129 -2.72 -11.83 -14.09
N VAL A 130 -2.36 -11.08 -13.05
CA VAL A 130 -1.65 -11.64 -11.89
C VAL A 130 -2.46 -12.82 -11.37
N PRO A 131 -1.82 -13.89 -10.88
CA PRO A 131 -2.58 -15.12 -10.60
C PRO A 131 -3.61 -14.97 -9.49
N GLN A 132 -3.45 -14.01 -8.57
CA GLN A 132 -4.46 -13.84 -7.52
C GLN A 132 -5.81 -13.35 -8.04
N PHE A 133 -5.86 -12.69 -9.21
CA PHE A 133 -7.14 -12.15 -9.68
C PHE A 133 -8.11 -13.28 -9.98
N ARG A 134 -7.67 -14.28 -10.79
CA ARG A 134 -8.57 -15.38 -11.12
C ARG A 134 -8.90 -16.24 -9.91
N LEU A 135 -8.03 -16.26 -8.89
CA LEU A 135 -8.37 -16.93 -7.63
C LEU A 135 -9.47 -16.15 -6.89
N VAL A 136 -9.34 -14.83 -6.78
CA VAL A 136 -10.34 -14.05 -6.06
C VAL A 136 -11.69 -14.08 -6.78
N TYR A 137 -11.69 -13.95 -8.11
CA TYR A 137 -12.93 -13.85 -8.87
C TYR A 137 -13.29 -15.17 -9.58
N LYS A 138 -12.81 -16.30 -9.05
CA LYS A 138 -13.24 -17.60 -9.55
C LYS A 138 -14.76 -17.71 -9.37
N GLY A 139 -15.45 -18.05 -10.45
CA GLY A 139 -16.89 -18.11 -10.43
C GLY A 139 -17.61 -16.80 -10.72
N THR A 140 -16.88 -15.69 -10.84
CA THR A 140 -17.49 -14.41 -11.21
C THR A 140 -17.58 -14.30 -12.74
N THR A 141 -18.67 -13.71 -13.23
CA THR A 141 -18.83 -13.42 -14.65
C THR A 141 -19.11 -11.95 -14.86
N VAL A 142 -18.63 -11.42 -15.98
CA VAL A 142 -18.83 -10.04 -16.35
C VAL A 142 -19.26 -10.04 -17.81
N LYS A 143 -20.50 -9.61 -18.05
CA LYS A 143 -21.14 -9.79 -19.35
C LYS A 143 -21.76 -8.48 -19.81
N ALA A 144 -21.45 -8.08 -21.06
CA ALA A 144 -22.17 -6.99 -21.70
C ALA A 144 -23.55 -7.45 -22.13
N ILE A 145 -24.60 -7.01 -21.42
CA ILE A 145 -25.96 -7.42 -21.78
C ILE A 145 -26.66 -6.39 -22.65
N ALA A 146 -26.04 -5.25 -22.88
CA ALA A 146 -26.52 -4.21 -23.78
C ALA A 146 -25.31 -3.39 -24.17
N PRO A 147 -25.39 -2.60 -25.24
CA PRO A 147 -24.22 -1.79 -25.62
C PRO A 147 -23.60 -1.04 -24.46
N LEU A 148 -24.42 -0.51 -23.53
CA LEU A 148 -23.92 0.30 -22.42
C LEU A 148 -24.38 -0.23 -21.06
N THR A 149 -24.64 -1.53 -20.95
CA THR A 149 -24.97 -2.10 -19.65
C THR A 149 -24.13 -3.35 -19.45
N VAL A 150 -23.43 -3.41 -18.32
CA VAL A 150 -22.61 -4.57 -18.01
C VAL A 150 -23.12 -5.20 -16.72
N ARG A 151 -23.30 -6.51 -16.75
CA ARG A 151 -23.82 -7.24 -15.60
C ARG A 151 -22.69 -8.06 -14.97
N ILE A 152 -22.50 -7.86 -13.67
CA ILE A 152 -21.50 -8.59 -12.90
C ILE A 152 -22.24 -9.53 -11.95
N GLU A 153 -21.89 -10.82 -12.00
CA GLU A 153 -22.43 -11.82 -11.08
C GLU A 153 -21.30 -12.53 -10.33
N LEU A 154 -21.39 -12.52 -9.00
CA LEU A 154 -20.48 -13.26 -8.12
C LEU A 154 -21.07 -14.62 -7.78
N ALA A 155 -20.18 -15.61 -7.60
CA ALA A 155 -20.60 -16.94 -7.17
C ALA A 155 -20.96 -17.00 -5.69
N LYS A 156 -20.55 -16.02 -4.89
CA LYS A 156 -20.90 -16.01 -3.47
C LYS A 156 -20.87 -14.56 -2.99
N PRO A 157 -21.53 -14.25 -1.86
CA PRO A 157 -21.64 -12.84 -1.45
C PRO A 157 -20.26 -12.28 -1.18
N GLY A 158 -20.06 -11.06 -1.65
CA GLY A 158 -18.80 -10.37 -1.47
C GLY A 158 -18.98 -8.92 -1.87
N LYS A 159 -19.60 -8.14 -0.97
CA LYS A 159 -19.90 -6.73 -1.29
C LYS A 159 -18.64 -5.96 -1.63
N GLU A 160 -17.58 -6.18 -0.86
CA GLU A 160 -16.32 -5.53 -1.16
C GLU A 160 -15.72 -6.03 -2.48
N ASP A 161 -15.78 -7.34 -2.72
CA ASP A 161 -15.26 -7.89 -3.98
C ASP A 161 -16.01 -7.29 -5.18
N LEU A 163 -17.60 -4.20 -5.21
CA LEU A 163 -17.21 -2.80 -5.30
C LEU A 163 -15.79 -2.63 -5.83
N SER A 164 -14.90 -3.58 -5.51
CA SER A 164 -13.51 -3.45 -5.95
C SER A 164 -13.39 -3.65 -7.46
N LEU A 165 -14.34 -4.36 -8.08
CA LEU A 165 -14.38 -4.40 -9.54
C LEU A 165 -14.71 -3.04 -10.14
N PHE A 166 -15.36 -2.14 -9.38
CA PHE A 166 -15.57 -0.76 -9.85
C PHE A 166 -14.26 0.00 -9.99
N SER A 167 -13.17 -0.51 -9.41
CA SER A 167 -11.86 0.14 -9.50
C SER A 167 -10.97 -0.47 -10.58
N LEU A 168 -11.45 -1.49 -11.29
CA LEU A 168 -10.71 -2.06 -12.41
C LEU A 168 -10.49 -1.00 -13.50
N PRO A 169 -9.28 -0.90 -14.04
CA PRO A 169 -9.09 -0.05 -15.22
C PRO A 169 -9.88 -0.63 -16.38
N VAL A 170 -10.51 0.23 -17.17
CA VAL A 170 -11.31 -0.25 -18.30
C VAL A 170 -10.47 -0.13 -19.56
N PHE A 171 -10.04 -1.28 -20.10
CA PHE A 171 -9.12 -1.38 -21.23
C PHE A 171 -9.85 -1.25 -22.57
N PRO A 172 -9.30 -0.48 -23.50
CA PRO A 172 -9.80 -0.50 -24.90
C PRO A 172 -9.42 -1.83 -25.56
N GLU A 173 -10.46 -2.60 -25.93
CA GLU A 173 -10.21 -3.86 -26.63
C GLU A 173 -9.45 -3.65 -27.94
N LYS A 174 -9.70 -2.53 -28.63
CA LYS A 174 -9.06 -2.30 -29.92
C LYS A 174 -7.53 -2.21 -29.78
N TYR A 175 -7.04 -1.83 -28.61
CA TYR A 175 -5.59 -1.87 -28.39
C TYR A 175 -5.14 -3.18 -27.73
N TRP A 176 -5.84 -3.60 -26.66
CA TRP A 176 -5.32 -4.68 -25.82
C TRP A 176 -5.50 -6.07 -26.43
N LYS A 177 -6.30 -6.22 -27.48
CA LYS A 177 -6.34 -7.53 -28.15
C LYS A 177 -4.99 -7.92 -28.74
N ASP A 178 -4.09 -6.96 -28.95
CA ASP A 178 -2.79 -7.20 -29.55
C ASP A 178 -1.63 -7.15 -28.55
N HIS A 179 -1.90 -7.17 -27.24
CA HIS A 179 -0.85 -7.17 -26.24
C HIS A 179 -1.26 -8.02 -25.05
N LYS A 180 -0.38 -8.97 -24.67
CA LYS A 180 -0.64 -9.79 -23.50
C LYS A 180 -0.57 -8.95 -22.21
N LEU A 181 -1.58 -9.09 -21.34
CA LEU A 181 -1.58 -8.32 -20.10
C LEU A 181 -0.34 -8.60 -19.25
N SER A 182 0.25 -9.79 -19.39
CA SER A 182 1.36 -10.25 -18.57
C SER A 182 2.72 -9.70 -19.01
N ASP A 183 2.83 -9.11 -20.21
CA ASP A 183 4.07 -8.59 -20.78
C ASP A 183 4.26 -7.12 -20.39
N PRO A 184 5.48 -6.74 -20.04
CA PRO A 184 5.80 -5.31 -19.95
C PRO A 184 5.52 -4.60 -21.27
N LEU A 185 5.20 -3.31 -21.16
CA LEU A 185 5.00 -2.45 -22.32
C LEU A 185 6.15 -1.46 -22.44
N ALA A 186 6.89 -1.54 -23.55
CA ALA A 186 7.96 -0.57 -23.80
C ALA A 186 7.42 0.82 -24.11
N THR A 187 6.12 0.91 -24.42
CA THR A 187 5.48 2.10 -24.90
C THR A 187 4.14 2.22 -24.18
N PRO A 188 3.67 3.43 -23.87
CA PRO A 188 2.40 3.58 -23.14
C PRO A 188 1.24 3.02 -23.94
N PRO A 189 0.30 2.36 -23.28
CA PRO A 189 -0.88 1.83 -23.98
C PRO A 189 -1.91 2.92 -24.26
N LEU A 190 -2.83 2.60 -25.17
CA LEU A 190 -4.01 3.44 -25.37
C LEU A 190 -4.79 3.54 -24.05
N ALA A 191 -5.03 4.76 -23.57
CA ALA A 191 -5.59 4.95 -22.22
C ALA A 191 -6.77 5.94 -22.25
N SER A 192 -7.16 6.44 -21.08
CA SER A 192 -8.42 7.19 -20.96
C SER A 192 -8.47 8.25 -19.85
N GLY A 193 -7.49 8.27 -18.94
CA GLY A 193 -7.56 9.13 -17.79
C GLY A 193 -7.30 10.60 -18.14
N PRO A 194 -7.38 11.48 -17.12
CA PRO A 194 -7.20 12.92 -17.36
C PRO A 194 -5.78 13.31 -17.71
N TYR A 195 -4.80 12.42 -17.51
CA TYR A 195 -3.42 12.66 -17.91
C TYR A 195 -2.93 11.52 -18.81
N ARG A 196 -2.20 11.88 -19.86
CA ARG A 196 -1.61 10.95 -20.82
C ARG A 196 -0.09 11.11 -20.82
N VAL A 197 0.64 9.98 -20.88
CA VAL A 197 2.09 10.02 -21.10
C VAL A 197 2.38 10.66 -22.45
N THR A 198 3.20 11.72 -22.47
CA THR A 198 3.54 12.35 -23.75
C THR A 198 5.03 12.34 -24.09
N SER A 199 5.92 12.04 -23.13
CA SER A 199 7.33 11.82 -23.42
C SER A 199 7.94 11.13 -22.21
N TRP A 200 9.08 10.47 -22.44
CA TRP A 200 9.75 9.75 -21.36
C TRP A 200 11.19 9.46 -21.77
N LYS A 201 11.97 9.09 -20.77
CA LYS A 201 13.31 8.56 -21.00
C LYS A 201 13.45 7.39 -20.06
N MET A 202 13.62 6.18 -20.63
CA MET A 202 13.55 4.97 -19.82
C MET A 202 14.52 5.03 -18.66
N GLY A 203 14.00 4.82 -17.45
CA GLY A 203 14.78 4.86 -16.23
C GLY A 203 15.08 6.23 -15.70
N GLN A 204 14.61 7.30 -16.37
CA GLN A 204 15.01 8.65 -15.96
C GLN A 204 13.83 9.59 -15.72
N ASN A 205 12.87 9.67 -16.66
CA ASN A 205 11.74 10.57 -16.47
C ASN A 205 10.51 10.08 -17.22
N ILE A 206 9.35 10.53 -16.73
CA ILE A 206 8.07 10.38 -17.41
C ILE A 206 7.34 11.72 -17.32
N VAL A 207 6.85 12.22 -18.46
CA VAL A 207 6.06 13.45 -18.50
C VAL A 207 4.62 13.10 -18.85
N TYR A 208 3.69 13.52 -17.98
CA TYR A 208 2.26 13.40 -18.22
C TYR A 208 1.72 14.77 -18.62
N SER A 209 0.86 14.79 -19.64
CA SER A 209 0.21 16.02 -20.07
C SER A 209 -1.29 15.91 -19.82
N ARG A 210 -1.90 17.02 -19.38
CA ARG A 210 -3.33 17.06 -19.16
C ARG A 210 -4.05 16.97 -20.50
N VAL A 211 -5.03 16.09 -20.58
CA VAL A 211 -5.89 15.93 -21.75
C VAL A 211 -6.91 17.07 -21.72
N LYS A 212 -6.72 18.06 -22.58
CA LYS A 212 -7.52 19.29 -22.46
C LYS A 212 -8.97 19.09 -22.89
N ASP A 213 -9.28 18.02 -23.60
CA ASP A 213 -10.65 17.75 -24.00
C ASP A 213 -11.20 16.50 -23.31
N TYR A 214 -10.68 16.19 -22.12
CA TYR A 214 -11.10 15.04 -21.31
C TYR A 214 -12.61 15.02 -21.15
N TRP A 215 -13.25 13.94 -21.64
CA TRP A 215 -14.70 13.87 -21.69
C TRP A 215 -15.36 14.11 -20.32
N ALA A 216 -14.67 13.71 -19.24
CA ALA A 216 -15.27 13.74 -17.89
C ALA A 216 -14.79 14.90 -17.04
N ALA A 217 -14.18 15.93 -17.65
CA ALA A 217 -13.56 16.99 -16.85
C ALA A 217 -14.56 17.64 -15.91
N ASN A 218 -15.85 17.60 -16.23
CA ASN A 218 -16.87 18.28 -15.43
C ASN A 218 -17.76 17.35 -14.61
N LEU A 219 -17.45 16.06 -14.53
CA LEU A 219 -18.19 15.22 -13.59
C LEU A 219 -17.90 15.68 -12.17
N PRO A 220 -18.88 15.58 -11.25
CA PRO A 220 -18.64 15.97 -9.82
C PRO A 220 -17.32 15.43 -9.26
N VAL A 221 -16.97 14.20 -9.64
CA VAL A 221 -15.83 13.49 -9.11
C VAL A 221 -14.50 14.11 -9.55
N ASN A 222 -14.49 14.81 -10.68
CA ASN A 222 -13.31 15.42 -11.26
C ASN A 222 -13.25 16.93 -11.08
N ARG A 223 -14.35 17.57 -10.65
CA ARG A 223 -14.38 19.02 -10.50
C ARG A 223 -13.32 19.49 -9.51
N GLY A 224 -12.58 20.52 -9.91
CA GLY A 224 -11.52 21.03 -9.06
C GLY A 224 -10.28 20.16 -8.97
N ARG A 225 -10.17 19.07 -9.75
CA ARG A 225 -9.00 18.20 -9.74
C ARG A 225 -8.33 18.21 -11.11
N TRP A 226 -7.11 17.64 -11.17
CA TRP A 226 -6.37 17.48 -12.44
C TRP A 226 -6.08 18.84 -13.07
N ASN A 227 -5.53 19.74 -12.26
CA ASN A 227 -5.45 21.15 -12.67
C ASN A 227 -4.17 21.47 -13.42
N PHE A 228 -3.06 20.82 -13.08
CA PHE A 228 -1.79 21.11 -13.74
C PHE A 228 -1.84 20.65 -15.19
N ASP A 229 -1.22 21.43 -16.08
CA ASP A 229 -1.10 21.02 -17.47
C ASP A 229 -0.10 19.88 -17.64
N THR A 230 0.93 19.82 -16.80
CA THR A 230 1.83 18.69 -16.93
C THR A 230 2.35 18.28 -15.55
N ILE A 231 2.59 16.97 -15.42
CA ILE A 231 3.13 16.37 -14.22
C ILE A 231 4.36 15.59 -14.67
N ARG A 232 5.53 15.98 -14.17
CA ARG A 232 6.78 15.35 -14.55
C ARG A 232 7.32 14.56 -13.36
N TYR A 233 7.74 13.31 -13.62
CA TYR A 233 8.48 12.52 -12.64
C TYR A 233 9.94 12.41 -13.08
N ASP A 234 10.84 12.76 -12.18
CA ASP A 234 12.28 12.54 -12.37
C ASP A 234 12.78 11.50 -11.37
N TYR A 235 13.55 10.52 -11.87
CA TYR A 235 14.01 9.42 -11.04
C TYR A 235 15.37 9.72 -10.43
N TYR A 236 15.55 9.30 -9.19
CA TYR A 236 16.77 9.50 -8.41
C TYR A 236 17.20 8.18 -7.77
N LEU A 237 18.51 7.90 -7.78
CA LEU A 237 18.98 6.58 -7.35
C LEU A 237 18.96 6.44 -5.82
N ASP A 238 19.11 7.53 -5.07
CA ASP A 238 18.94 7.44 -3.62
C ASP A 238 18.27 8.71 -3.10
N ASP A 239 17.75 8.60 -1.87
CA ASP A 239 16.89 9.65 -1.31
C ASP A 239 17.67 10.88 -0.90
N ASN A 240 18.95 10.69 -0.57
CA ASN A 240 19.78 11.81 -0.14
C ASN A 240 20.10 12.73 -1.32
N VAL A 241 20.38 12.16 -2.50
CA VAL A 241 20.56 12.98 -3.71
C VAL A 241 19.24 13.64 -4.11
N ALA A 242 18.12 12.93 -3.95
CA ALA A 242 16.80 13.51 -4.21
C ALA A 242 16.52 14.69 -3.26
N PHE A 243 16.86 14.54 -1.96
CA PHE A 243 16.62 15.62 -1.00
C PHE A 243 17.45 16.84 -1.35
N GLU A 244 18.69 16.63 -1.78
CA GLU A 244 19.52 17.78 -2.14
C GLU A 244 19.02 18.44 -3.42
N ALA A 245 18.50 17.65 -4.36
CA ALA A 245 17.90 18.24 -5.56
C ALA A 245 16.64 19.03 -5.22
N PHE A 246 15.84 18.55 -4.25
CA PHE A 246 14.66 19.30 -3.83
C PHE A 246 15.05 20.68 -3.31
N LYS A 247 16.04 20.72 -2.41
CA LYS A 247 16.46 22.01 -1.85
C LYS A 247 17.08 22.92 -2.89
N ALA A 248 17.69 22.36 -3.94
CA ALA A 248 18.19 23.13 -5.07
C ALA A 248 17.09 23.54 -6.05
N GLY A 249 15.86 23.11 -5.84
CA GLY A 249 14.76 23.48 -6.71
C GLY A 249 14.56 22.61 -7.93
N ALA A 250 15.14 21.39 -7.96
CA ALA A 250 15.02 20.52 -9.12
C ALA A 250 13.67 19.86 -9.24
N PHE A 251 12.91 19.75 -8.14
CA PHE A 251 11.52 19.34 -8.21
C PHE A 251 10.77 20.07 -7.10
N ASP A 252 9.43 20.02 -7.14
CA ASP A 252 8.61 21.01 -6.44
C ASP A 252 8.10 20.57 -5.06
N LEU A 253 8.07 19.28 -4.75
CA LEU A 253 7.33 18.78 -3.60
C LEU A 253 8.06 17.58 -3.01
N ARG A 254 8.16 17.55 -1.68
CA ARG A 254 8.84 16.44 -1.00
C ARG A 254 8.01 15.98 0.19
N GLU A 256 8.68 14.09 3.44
CA GLU A 256 9.90 13.85 4.20
C GLU A 256 9.73 12.62 5.09
N ASN A 257 10.44 11.54 4.76
CA ASN A 257 10.39 10.29 5.52
C ASN A 257 11.55 10.12 6.48
N ASP A 258 12.49 11.05 6.51
CA ASP A 258 13.71 10.92 7.31
C ASP A 258 13.67 11.92 8.47
N ALA A 259 13.75 11.41 9.71
CA ALA A 259 13.65 12.28 10.88
C ALA A 259 14.79 13.28 10.94
N LYS A 260 16.01 12.86 10.59
CA LYS A 260 17.16 13.74 10.68
C LYS A 260 17.05 14.89 9.67
N ASN A 261 16.65 14.60 8.43
CA ASN A 261 16.35 15.66 7.48
C ASN A 261 15.42 16.70 8.09
N TRP A 262 14.29 16.26 8.62
CA TRP A 262 13.28 17.20 9.12
C TRP A 262 13.81 18.00 10.30
N ALA A 263 14.57 17.35 11.18
CA ALA A 263 15.07 18.00 12.39
C ALA A 263 16.17 19.01 12.11
N THR A 264 17.04 18.76 11.12
CA THR A 264 18.29 19.50 11.02
C THR A 264 18.63 20.04 9.64
N ARG A 265 17.93 19.67 8.57
CA ARG A 265 18.44 20.02 7.24
C ARG A 265 17.45 20.82 6.38
N TYR A 266 16.37 21.36 6.96
CA TYR A 266 15.51 22.28 6.21
C TYR A 266 15.96 23.72 6.48
N THR A 267 17.16 24.01 5.99
CA THR A 267 17.84 25.26 6.25
C THR A 267 18.45 25.80 4.96
N GLY A 268 18.88 27.06 5.02
CA GLY A 268 19.47 27.69 3.85
C GLY A 268 18.57 28.79 3.29
N ASN A 270 16.22 31.25 5.95
CA ASN A 270 15.01 31.62 5.20
C ASN A 270 14.42 30.45 4.44
N PHE A 271 15.31 29.75 3.72
CA PHE A 271 14.96 28.49 3.10
C PHE A 271 14.07 28.72 1.89
N TYR A 275 11.83 29.90 -2.42
CA TYR A 275 11.23 29.87 -1.09
C TYR A 275 10.35 28.64 -0.96
N ILE A 276 10.60 27.93 0.14
CA ILE A 276 10.08 26.60 0.38
C ILE A 276 9.21 26.67 1.62
N ILE A 277 8.02 26.13 1.53
CA ILE A 277 7.07 26.01 2.64
C ILE A 277 7.27 24.66 3.30
N LYS A 278 7.21 24.64 4.63
CA LYS A 278 7.35 23.45 5.45
C LYS A 278 6.04 23.25 6.19
N ASP A 279 5.52 22.02 6.21
CA ASP A 279 4.17 21.79 6.73
C ASP A 279 4.10 20.45 7.45
N GLU A 280 3.69 20.48 8.72
CA GLU A 280 3.52 19.32 9.59
C GLU A 280 2.05 19.29 10.03
N GLN A 281 1.29 18.31 9.56
CA GLN A 281 -0.10 18.33 10.01
C GLN A 281 -0.31 17.39 11.18
N LYS A 282 -0.66 16.14 10.91
CA LYS A 282 -1.22 15.17 11.87
C LYS A 282 -2.42 14.49 11.23
N ASN A 283 -2.31 13.20 10.91
CA ASN A 283 -3.48 12.46 10.43
C ASN A 283 -3.90 11.49 11.52
N GLU A 284 -5.15 11.61 11.96
CA GLU A 284 -5.75 10.74 12.96
C GLU A 284 -6.33 9.48 12.34
N SER A 285 -5.94 9.16 11.09
CA SER A 285 -6.49 8.09 10.30
C SER A 285 -5.57 6.85 10.34
N ALA A 286 -6.01 5.75 9.71
CA ALA A 286 -5.20 4.53 9.63
C ALA A 286 -3.82 4.81 9.00
N GLN A 287 -2.81 4.11 9.51
CA GLN A 287 -1.41 4.44 9.24
C GLN A 287 -0.68 3.31 8.52
N ASP A 288 0.07 3.66 7.47
CA ASP A 288 1.13 2.79 6.95
C ASP A 288 2.11 2.45 8.06
N THR A 289 2.61 1.20 8.07
CA THR A 289 3.60 0.79 9.06
C THR A 289 4.77 0.08 8.39
N ARG A 290 5.95 0.28 8.95
CA ARG A 290 7.18 -0.35 8.50
C ARG A 290 7.48 -1.60 9.32
N TRP A 291 7.93 -2.65 8.63
CA TRP A 291 8.27 -3.91 9.26
C TRP A 291 9.53 -4.47 8.59
N LEU A 292 10.16 -5.44 9.26
CA LEU A 292 11.19 -6.28 8.67
C LEU A 292 10.61 -7.68 8.57
N ALA A 293 10.49 -8.20 7.35
CA ALA A 293 9.85 -9.49 7.14
C ALA A 293 10.86 -10.61 7.39
N PHE A 294 10.46 -11.56 8.23
CA PHE A 294 11.17 -12.84 8.35
C PHE A 294 10.64 -13.78 7.27
N ASN A 295 11.50 -14.30 6.39
CA ASN A 295 11.07 -15.35 5.48
C ASN A 295 11.00 -16.65 6.28
N ILE A 296 9.82 -17.02 6.77
CA ILE A 296 9.76 -18.16 7.67
C ILE A 296 9.86 -19.50 6.94
N GLN A 297 9.88 -19.50 5.60
CA GLN A 297 10.18 -20.72 4.85
C GLN A 297 11.66 -21.06 4.82
N ARG A 298 12.51 -20.16 5.27
CA ARG A 298 13.89 -20.63 5.30
C ARG A 298 14.25 -21.11 6.70
N PRO A 299 15.10 -22.15 6.78
CA PRO A 299 15.40 -22.76 8.10
C PRO A 299 15.80 -21.76 9.18
N VAL A 300 16.57 -20.73 8.84
CA VAL A 300 17.08 -19.81 9.86
C VAL A 300 15.93 -19.15 10.65
N PHE A 301 14.77 -18.96 10.03
CA PHE A 301 13.66 -18.24 10.67
C PHE A 301 12.43 -19.10 10.86
N SER A 302 12.59 -20.43 10.85
CA SER A 302 11.42 -21.29 10.98
C SER A 302 10.97 -21.46 12.44
N ASP A 303 11.82 -21.15 13.42
CA ASP A 303 11.48 -21.31 14.83
C ASP A 303 11.02 -19.97 15.39
N ARG A 304 9.80 -19.91 15.92
CA ARG A 304 9.25 -18.68 16.50
C ARG A 304 10.17 -18.09 17.57
N ARG A 305 10.88 -18.94 18.33
CA ARG A 305 11.76 -18.45 19.37
C ARG A 305 12.93 -17.67 18.78
N VAL A 306 13.44 -18.09 17.60
CA VAL A 306 14.52 -17.36 16.96
C VAL A 306 14.01 -15.99 16.48
N ARG A 307 12.80 -15.96 15.90
CA ARG A 307 12.22 -14.69 15.46
C ARG A 307 11.98 -13.75 16.65
N GLU A 308 11.55 -14.31 17.79
CA GLU A 308 11.35 -13.50 19.00
C GLU A 308 12.68 -12.96 19.51
N ALA A 309 13.73 -13.78 19.50
CA ALA A 309 15.02 -13.34 20.02
C ALA A 309 15.61 -12.24 19.13
N ILE A 310 15.53 -12.41 17.80
CA ILE A 310 16.05 -11.39 16.90
C ILE A 310 15.25 -10.09 17.06
N THR A 311 13.95 -10.18 17.31
CA THR A 311 13.15 -8.98 17.58
C THR A 311 13.64 -8.26 18.84
N LEU A 312 14.01 -9.03 19.89
CA LEU A 312 14.53 -8.44 21.12
C LEU A 312 15.85 -7.71 20.90
N ALA A 313 16.64 -8.10 19.89
CA ALA A 313 17.91 -7.44 19.62
C ALA A 313 17.74 -6.11 18.87
N PHE A 314 16.52 -5.76 18.46
CA PHE A 314 16.23 -4.53 17.73
C PHE A 314 15.88 -3.45 18.76
N ASP A 315 16.80 -2.53 19.02
CA ASP A 315 16.64 -1.59 20.15
C ASP A 315 16.02 -0.30 19.63
N PHE A 316 14.70 -0.25 19.62
CA PHE A 316 14.03 0.91 19.01
C PHE A 316 14.19 2.16 19.87
N GLU A 317 14.09 2.05 21.20
CA GLU A 317 14.15 3.25 22.04
C GLU A 317 15.50 3.92 21.89
N TRP A 318 16.58 3.12 21.81
CA TRP A 318 17.89 3.70 21.57
C TRP A 318 17.92 4.43 20.23
N ASN A 320 15.45 5.64 18.41
CA ASN A 320 14.59 6.82 18.38
C ASN A 320 15.25 8.00 19.08
N LYS A 321 15.90 7.74 20.21
CA LYS A 321 16.53 8.81 20.97
C LYS A 321 17.84 9.26 20.33
N ALA A 322 18.71 8.30 19.98
CA ALA A 322 20.06 8.63 19.58
C ALA A 322 20.16 9.07 18.12
N LEU A 323 19.26 8.58 17.26
CA LEU A 323 19.34 8.75 15.81
C LEU A 323 18.20 9.57 15.22
N PHE A 324 16.97 9.41 15.72
CA PHE A 324 15.77 9.89 15.05
C PHE A 324 15.02 11.00 15.82
N TYR A 325 15.67 11.67 16.77
CA TYR A 325 15.10 12.88 17.40
C TYR A 325 13.74 12.58 18.06
N ASN A 326 13.60 11.36 18.57
CA ASN A 326 12.37 10.81 19.15
C ASN A 326 11.14 11.12 18.29
N ALA A 327 11.30 11.05 16.97
CA ALA A 327 10.20 11.40 16.08
C ALA A 327 9.21 10.25 15.90
N TRP A 328 9.66 9.01 16.02
CA TRP A 328 8.86 7.87 15.57
C TRP A 328 8.05 7.26 16.70
N SER A 329 7.00 6.53 16.30
CA SER A 329 6.25 5.66 17.19
C SER A 329 6.48 4.21 16.78
N ARG A 330 6.53 3.30 17.76
CA ARG A 330 6.74 1.88 17.45
C ARG A 330 5.51 1.29 16.77
N THR A 331 5.73 0.65 15.62
CA THR A 331 4.69 -0.18 15.02
C THR A 331 4.24 -1.25 16.01
N ASN A 332 2.92 -1.44 16.13
CA ASN A 332 2.46 -2.53 16.99
C ASN A 332 1.14 -3.17 16.56
N SER A 333 0.65 -2.91 15.34
CA SER A 333 -0.62 -3.47 14.90
C SER A 333 -0.64 -3.55 13.37
N TYR A 334 -1.32 -4.56 12.86
CA TYR A 334 -1.61 -4.61 11.42
C TYR A 334 -2.83 -3.77 11.06
N PHE A 335 -3.53 -3.21 12.07
CA PHE A 335 -4.61 -2.23 11.84
C PHE A 335 -4.29 -0.96 12.62
N GLN A 336 -3.05 -0.50 12.47
CA GLN A 336 -2.51 0.58 13.28
C GLN A 336 -3.44 1.80 13.35
N ASN A 337 -3.74 2.26 14.57
CA ASN A 337 -4.50 3.49 14.82
C ASN A 337 -5.94 3.41 14.31
N THR A 338 -6.51 2.21 14.25
CA THR A 338 -7.92 2.01 14.00
C THR A 338 -8.55 1.31 15.19
N GLU A 339 -9.89 1.22 15.18
CA GLU A 339 -10.54 0.45 16.23
C GLU A 339 -10.33 -1.06 16.05
N TYR A 340 -9.76 -1.51 14.92
CA TYR A 340 -9.52 -2.94 14.72
C TYR A 340 -8.19 -3.41 15.31
N ALA A 341 -7.39 -2.49 15.84
CA ALA A 341 -6.14 -2.86 16.51
C ALA A 341 -6.44 -3.55 17.85
N ALA A 342 -5.68 -4.62 18.13
CA ALA A 342 -5.89 -5.39 19.36
C ALA A 342 -5.06 -4.78 20.50
N ARG A 343 -5.50 -3.60 20.97
CA ARG A 343 -4.80 -2.89 22.03
C ARG A 343 -5.39 -3.13 23.43
N ASN A 344 -6.47 -3.89 23.54
CA ASN A 344 -7.04 -4.28 24.82
C ASN A 344 -7.09 -5.80 24.89
N TYR A 345 -7.52 -6.31 26.05
CA TYR A 345 -7.64 -7.75 26.21
C TYR A 345 -8.82 -8.26 25.38
N PRO A 346 -8.74 -9.50 24.86
CA PRO A 346 -9.82 -10.01 24.03
C PRO A 346 -11.15 -9.99 24.78
N ASP A 347 -12.22 -9.57 24.09
CA ASP A 347 -13.52 -9.61 24.72
C ASP A 347 -14.18 -10.96 24.42
N ALA A 348 -15.43 -11.11 24.85
CA ALA A 348 -16.07 -12.41 24.75
C ALA A 348 -16.21 -12.85 23.30
N ALA A 349 -16.57 -11.92 22.40
CA ALA A 349 -16.71 -12.29 20.98
C ALA A 349 -15.39 -12.80 20.41
N GLU A 350 -14.29 -12.16 20.77
CA GLU A 350 -12.98 -12.61 20.28
C GLU A 350 -12.64 -14.01 20.79
N LEU A 351 -12.95 -14.29 22.06
CA LEU A 351 -12.64 -15.61 22.60
C LEU A 351 -13.49 -16.70 21.95
N VAL A 352 -14.74 -16.40 21.61
CA VAL A 352 -15.53 -17.35 20.83
C VAL A 352 -14.80 -17.70 19.54
N LEU A 353 -14.17 -16.71 18.89
CA LEU A 353 -13.46 -16.95 17.64
C LEU A 353 -12.11 -17.65 17.83
N LEU A 354 -11.43 -17.40 18.96
CA LEU A 354 -10.06 -17.87 19.15
C LEU A 354 -9.96 -19.18 19.93
N ALA A 355 -10.78 -19.36 20.95
CA ALA A 355 -10.69 -20.57 21.78
C ALA A 355 -10.75 -21.87 20.99
N PRO A 356 -11.54 -22.02 19.91
CA PRO A 356 -11.48 -23.27 19.12
C PRO A 356 -10.07 -23.62 18.63
N MET A 357 -9.20 -22.62 18.47
CA MET A 357 -7.86 -22.83 17.93
C MET A 357 -6.78 -22.70 19.00
N LYS A 358 -7.15 -22.88 20.29
CA LYS A 358 -6.22 -22.64 21.39
C LYS A 358 -4.93 -23.44 21.23
N LYS A 359 -4.98 -24.67 20.70
CA LYS A 359 -3.76 -25.47 20.66
C LYS A 359 -2.80 -25.09 19.52
N ASP A 360 -3.24 -24.23 18.59
CA ASP A 360 -2.41 -23.76 17.48
C ASP A 360 -2.11 -22.28 17.61
N LEU A 361 -2.23 -21.72 18.81
CA LEU A 361 -1.99 -20.31 19.10
C LEU A 361 -0.96 -20.17 20.21
N PRO A 362 -0.08 -19.16 20.13
CA PRO A 362 0.70 -18.79 21.32
C PRO A 362 -0.26 -18.49 22.48
N SER A 363 0.10 -18.95 23.70
CA SER A 363 -0.82 -18.74 24.82
C SER A 363 -1.00 -17.26 25.15
N GLU A 364 -0.03 -16.42 24.79
CA GLU A 364 -0.12 -14.98 25.07
C GLU A 364 -1.29 -14.31 24.35
N VAL A 365 -1.80 -14.93 23.29
CA VAL A 365 -3.00 -14.43 22.63
C VAL A 365 -4.13 -14.21 23.63
N PHE A 366 -4.22 -15.06 24.66
CA PHE A 366 -5.33 -15.00 25.61
C PHE A 366 -5.02 -14.18 26.87
N THR A 367 -3.74 -14.07 27.24
CA THR A 367 -3.38 -13.54 28.55
C THR A 367 -2.72 -12.18 28.52
N GLN A 368 -2.28 -11.69 27.34
CA GLN A 368 -1.50 -10.46 27.31
C GLN A 368 -1.88 -9.60 26.10
N ILE A 369 -1.60 -8.31 26.22
CA ILE A 369 -1.67 -7.40 25.07
C ILE A 369 -0.30 -7.45 24.38
N TYR A 370 -0.32 -7.52 23.05
CA TYR A 370 0.92 -7.56 22.30
C TYR A 370 1.69 -6.26 22.47
N GLN A 371 2.95 -6.38 22.89
CA GLN A 371 3.82 -5.24 23.11
C GLN A 371 5.19 -5.52 22.52
N PRO A 372 5.60 -4.82 21.46
CA PRO A 372 6.98 -4.97 20.98
C PRO A 372 7.92 -4.67 22.13
N PRO A 373 9.12 -5.28 22.11
CA PRO A 373 10.07 -5.11 23.23
C PRO A 373 10.41 -3.64 23.44
N VAL A 374 10.52 -3.25 24.71
CA VAL A 374 10.89 -1.90 25.12
C VAL A 374 12.23 -1.97 25.85
N SER A 375 13.16 -1.11 25.46
CA SER A 375 14.45 -0.98 26.13
C SER A 375 14.51 0.33 26.90
N LYS A 376 15.63 0.53 27.59
CA LYS A 376 15.81 1.76 28.35
C LYS A 376 16.26 2.93 27.47
N GLY A 377 16.72 2.66 26.24
CA GLY A 377 17.26 3.67 25.38
C GLY A 377 18.73 3.95 25.58
N ASP A 378 19.33 3.41 26.65
CA ASP A 378 20.76 3.55 26.93
C ASP A 378 21.65 2.80 25.95
N GLY A 379 21.11 1.88 25.17
CA GLY A 379 21.92 0.86 24.55
C GLY A 379 22.15 -0.30 25.49
N TYR A 380 22.49 -1.45 24.89
CA TYR A 380 22.90 -2.65 25.62
C TYR A 380 21.88 -3.05 26.68
N ASP A 381 20.61 -3.20 26.28
CA ASP A 381 19.58 -3.57 27.26
C ASP A 381 19.86 -4.98 27.79
N ARG A 382 20.18 -5.07 29.08
CA ARG A 382 20.51 -6.36 29.70
C ARG A 382 19.35 -7.33 29.62
N ASP A 383 18.16 -6.90 30.08
CA ASP A 383 17.01 -7.81 30.18
C ASP A 383 16.65 -8.38 28.81
N ASN A 384 16.53 -7.51 27.80
CA ASN A 384 16.13 -7.97 26.47
C ASN A 384 17.18 -8.90 25.85
N LEU A 385 18.47 -8.56 25.99
CA LEU A 385 19.50 -9.41 25.39
C LEU A 385 19.65 -10.74 26.13
N LEU A 386 19.49 -10.72 27.46
CA LEU A 386 19.48 -11.97 28.23
C LEU A 386 18.31 -12.86 27.83
N LYS A 387 17.13 -12.26 27.58
CA LYS A 387 16.00 -13.07 27.16
C LYS A 387 16.23 -13.65 25.77
N ALA A 388 16.82 -12.86 24.85
CA ALA A 388 17.14 -13.37 23.52
C ALA A 388 18.13 -14.54 23.60
N ASP A 389 19.16 -14.42 24.44
CA ASP A 389 20.07 -15.55 24.65
C ASP A 389 19.31 -16.78 25.16
N LYS A 390 18.40 -16.58 26.13
CA LYS A 390 17.65 -17.70 26.70
C LYS A 390 16.81 -18.40 25.64
N LEU A 391 16.14 -17.61 24.77
CA LEU A 391 15.33 -18.20 23.70
C LEU A 391 16.20 -18.89 22.66
N LEU A 392 17.34 -18.27 22.30
CA LEU A 392 18.21 -18.87 21.28
C LEU A 392 18.73 -20.23 21.74
N ASN A 393 19.20 -20.31 22.99
CA ASN A 393 19.66 -21.59 23.56
C ASN A 393 18.56 -22.65 23.50
N GLU A 394 17.34 -22.30 23.90
CA GLU A 394 16.26 -23.27 23.86
C GLU A 394 15.99 -23.78 22.43
N ALA A 395 16.06 -22.88 21.44
CA ALA A 395 15.90 -23.28 20.04
C ALA A 395 17.12 -24.02 19.45
N GLY A 396 18.18 -24.21 20.22
CA GLY A 396 19.33 -24.98 19.74
C GLY A 396 20.45 -24.19 19.11
N TRP A 397 20.49 -22.87 19.32
CA TRP A 397 21.55 -22.02 18.80
C TRP A 397 22.36 -21.48 19.97
N VAL A 398 23.58 -22.02 20.14
CA VAL A 398 24.37 -21.81 21.34
C VAL A 398 25.74 -21.24 20.96
N LEU A 399 26.32 -20.51 21.92
CA LEU A 399 27.58 -19.82 21.67
C LEU A 399 28.74 -20.80 21.72
N LYS A 400 29.51 -20.88 20.63
CA LYS A 400 30.82 -21.53 20.62
C LYS A 400 31.82 -20.50 20.13
N GLY A 401 32.79 -20.19 20.99
CA GLY A 401 33.55 -18.99 20.73
C GLY A 401 32.61 -17.79 20.83
N GLN A 402 32.77 -16.85 19.91
CA GLN A 402 31.87 -15.70 19.88
C GLN A 402 30.62 -15.94 19.07
N GLN A 403 30.59 -17.00 18.27
CA GLN A 403 29.57 -17.21 17.24
C GLN A 403 28.50 -18.17 17.71
N ARG A 404 27.25 -17.87 17.39
CA ARG A 404 26.17 -18.79 17.72
C ARG A 404 26.11 -19.90 16.68
N VAL A 405 26.04 -21.14 17.15
CA VAL A 405 26.08 -22.30 16.26
C VAL A 405 24.97 -23.26 16.68
N ASN A 406 24.43 -23.96 15.70
CA ASN A 406 23.41 -24.95 16.01
C ASN A 406 24.01 -26.04 16.89
N ALA A 407 23.27 -26.39 17.95
CA ALA A 407 23.76 -27.31 18.97
C ALA A 407 24.07 -28.69 18.40
N THR A 408 23.32 -29.13 17.41
CA THR A 408 23.56 -30.48 16.91
C THR A 408 24.56 -30.49 15.73
N THR A 409 24.44 -29.54 14.81
CA THR A 409 25.23 -29.56 13.58
C THR A 409 26.48 -28.70 13.62
N GLY A 410 26.52 -27.68 14.49
CA GLY A 410 27.62 -26.75 14.49
C GLY A 410 27.56 -25.65 13.44
N GLN A 411 26.48 -25.56 12.65
CA GLN A 411 26.36 -24.54 11.61
C GLN A 411 26.15 -23.16 12.24
N PRO A 412 26.85 -22.13 11.75
CA PRO A 412 26.68 -20.77 12.34
C PRO A 412 25.28 -20.22 12.11
N LEU A 413 24.81 -19.41 13.06
CA LEU A 413 23.55 -18.69 12.89
C LEU A 413 23.83 -17.42 12.09
N SER A 414 23.32 -17.37 10.85
CA SER A 414 23.70 -16.34 9.89
C SER A 414 22.53 -16.11 8.93
N PHE A 415 22.33 -14.86 8.51
CA PHE A 415 21.31 -14.55 7.51
C PHE A 415 21.64 -13.25 6.79
N GLU A 416 21.02 -13.05 5.63
CA GLU A 416 21.24 -11.88 4.80
C GLU A 416 20.07 -10.92 4.92
N LEU A 417 20.36 -9.66 5.25
CA LEU A 417 19.38 -8.57 5.19
C LEU A 417 19.47 -7.93 3.81
N LEU A 418 18.39 -8.03 3.04
CA LEU A 418 18.30 -7.46 1.69
C LEU A 418 17.70 -6.06 1.78
N LEU A 419 18.37 -5.10 1.15
CA LEU A 419 18.10 -3.67 1.32
C LEU A 419 18.09 -2.95 -0.02
N PRO A 420 17.13 -2.05 -0.25
CA PRO A 420 17.23 -1.14 -1.39
C PRO A 420 18.31 -0.10 -1.15
N ALA A 421 19.25 -0.01 -2.10
CA ALA A 421 20.26 1.03 -2.05
C ALA A 421 19.64 2.42 -1.89
N SER A 422 18.43 2.62 -2.38
CA SER A 422 17.84 3.96 -2.42
C SER A 422 17.42 4.49 -1.04
N SER A 423 17.19 3.64 -0.04
CA SER A 423 16.66 4.12 1.24
C SER A 423 17.74 4.62 2.18
N ASN A 424 17.36 5.52 3.08
CA ASN A 424 18.17 5.84 4.25
C ASN A 424 18.10 4.68 5.23
N SER A 425 19.26 4.12 5.57
CA SER A 425 19.30 2.92 6.40
C SER A 425 20.17 3.12 7.63
N GLN A 426 19.92 4.22 8.37
CA GLN A 426 20.73 4.52 9.56
C GLN A 426 20.59 3.45 10.65
N TRP A 427 19.47 2.74 10.70
CA TRP A 427 19.21 1.75 11.72
C TRP A 427 20.00 0.45 11.52
N VAL A 428 20.59 0.26 10.34
CA VAL A 428 21.04 -1.07 9.93
C VAL A 428 22.28 -1.51 10.72
N LEU A 429 23.30 -0.64 10.79
CA LEU A 429 24.51 -1.05 11.49
C LEU A 429 24.28 -1.20 13.00
N PRO A 430 23.51 -0.30 13.66
CA PRO A 430 23.16 -0.56 15.07
C PRO A 430 22.50 -1.92 15.29
N PHE A 431 21.63 -2.33 14.37
CA PHE A 431 21.01 -3.65 14.46
C PHE A 431 22.04 -4.76 14.25
N GLN A 432 22.86 -4.64 13.19
CA GLN A 432 23.94 -5.60 12.96
C GLN A 432 24.85 -5.75 14.18
N HIS A 433 25.18 -4.62 14.82
CA HIS A 433 26.04 -4.66 16.00
C HIS A 433 25.39 -5.39 17.17
N SER A 434 24.10 -5.11 17.40
CA SER A 434 23.37 -5.81 18.47
C SER A 434 23.36 -7.31 18.21
N LEU A 435 23.07 -7.71 16.97
CA LEU A 435 23.06 -9.13 16.65
C LEU A 435 24.45 -9.76 16.81
N GLN A 436 25.50 -9.03 16.42
CA GLN A 436 26.85 -9.56 16.59
C GLN A 436 27.16 -9.81 18.07
N ARG A 437 26.61 -8.99 18.98
CA ARG A 437 26.83 -9.20 20.41
C ARG A 437 26.06 -10.38 20.95
N LEU A 438 25.12 -10.92 20.18
CA LEU A 438 24.47 -12.18 20.49
C LEU A 438 25.12 -13.36 19.77
N GLY A 439 26.20 -13.12 19.01
CA GLY A 439 26.81 -14.17 18.19
C GLY A 439 26.09 -14.47 16.90
N ILE A 440 25.18 -13.59 16.45
CA ILE A 440 24.43 -13.78 15.21
C ILE A 440 25.05 -12.93 14.11
N ASN A 441 25.38 -13.57 12.99
CA ASN A 441 25.93 -12.85 11.85
C ASN A 441 24.81 -12.42 10.90
N ASP A 443 24.51 -10.52 7.32
CA ASP A 443 25.13 -9.91 6.15
C ASP A 443 24.19 -8.86 5.56
N ILE A 444 24.74 -7.75 5.12
CA ILE A 444 23.98 -6.65 4.52
C ILE A 444 24.22 -6.67 3.01
N ARG A 445 23.13 -6.70 2.24
CA ARG A 445 23.22 -6.70 0.77
C ARG A 445 22.30 -5.61 0.22
N LYS A 446 22.88 -4.55 -0.32
CA LYS A 446 22.11 -3.47 -0.96
C LYS A 446 22.09 -3.70 -2.46
N VAL A 447 20.91 -3.58 -3.07
CA VAL A 447 20.77 -3.84 -4.51
C VAL A 447 19.90 -2.74 -5.13
N ASP A 448 19.93 -2.70 -6.47
CA ASP A 448 19.21 -1.66 -7.20
C ASP A 448 17.71 -1.93 -7.17
N ASN A 449 16.95 -0.96 -7.67
CA ASN A 449 15.50 -0.98 -7.65
C ASN A 449 14.86 -2.12 -8.41
N SER A 450 15.49 -2.55 -9.50
CA SER A 450 14.93 -3.67 -10.27
C SER A 450 15.22 -5.00 -9.58
N GLN A 451 16.39 -5.13 -8.96
CA GLN A 451 16.72 -6.31 -8.17
C GLN A 451 15.78 -6.43 -6.96
N ILE A 452 15.62 -5.33 -6.21
CA ILE A 452 14.74 -5.33 -5.03
C ILE A 452 13.34 -5.78 -5.42
N THR A 453 12.79 -5.24 -6.49
CA THR A 453 11.44 -5.58 -6.94
C THR A 453 11.34 -7.06 -7.29
N ASN A 454 12.27 -7.55 -8.09
CA ASN A 454 12.24 -8.95 -8.52
C ASN A 454 12.38 -9.88 -7.33
N ARG A 455 13.34 -9.61 -6.44
CA ARG A 455 13.56 -10.51 -5.31
C ARG A 455 12.46 -10.37 -4.26
N ARG A 457 9.29 -9.78 -4.93
CA ARG A 457 8.17 -10.55 -5.47
C ARG A 457 8.39 -12.06 -5.31
N SER A 458 9.62 -12.55 -5.54
CA SER A 458 9.89 -13.98 -5.44
C SER A 458 10.17 -14.44 -4.01
N ARG A 459 10.23 -13.51 -3.04
CA ARG A 459 10.64 -13.80 -1.66
C ARG A 459 12.03 -14.45 -1.63
N ASP A 460 12.91 -14.00 -2.51
CA ASP A 460 14.31 -14.46 -2.51
C ASP A 460 15.10 -13.61 -1.52
N TYR A 461 14.78 -13.77 -0.23
CA TYR A 461 15.50 -13.10 0.84
C TYR A 461 15.34 -13.89 2.13
N ASP A 462 16.28 -13.69 3.06
CA ASP A 462 16.02 -14.09 4.45
C ASP A 462 15.19 -13.03 5.17
N PRO A 465 13.04 -5.17 4.42
CA PRO A 465 12.00 -4.25 4.90
C PRO A 465 10.77 -4.31 4.02
N ARG A 466 9.61 -4.21 4.64
CA ARG A 466 8.35 -4.24 3.94
C ARG A 466 7.43 -3.22 4.60
N VAL A 467 6.70 -2.47 3.80
CA VAL A 467 5.71 -1.52 4.30
C VAL A 467 4.37 -2.23 4.26
N TRP A 468 3.65 -2.21 5.38
CA TRP A 468 2.28 -2.72 5.43
C TRP A 468 1.35 -1.51 5.28
N ARG A 469 0.70 -1.39 4.14
CA ARG A 469 -0.03 -0.17 3.87
C ARG A 469 -1.28 -0.10 4.75
N ALA A 470 -1.69 1.13 5.09
CA ALA A 470 -2.84 1.35 5.97
C ALA A 470 -4.03 0.49 5.55
N PRO A 472 -7.93 0.44 6.73
CA PRO A 472 -8.88 1.07 7.67
C PRO A 472 -9.88 0.11 8.26
N TRP A 473 -10.13 -1.01 7.61
CA TRP A 473 -11.00 -2.05 8.13
C TRP A 473 -10.45 -3.38 7.63
N PRO A 474 -10.92 -4.51 8.22
CA PRO A 474 -10.41 -5.83 7.74
C PRO A 474 -10.98 -6.19 6.38
N SER A 475 -10.25 -5.77 5.36
CA SER A 475 -10.63 -5.93 3.95
C SER A 475 -10.37 -7.35 3.46
N SER A 476 -11.11 -7.75 2.42
CA SER A 476 -10.86 -9.06 1.82
CA SER A 476 -10.88 -9.05 1.78
C SER A 476 -9.51 -9.14 1.14
N ASP A 477 -8.86 -7.99 0.89
CA ASP A 477 -7.47 -7.99 0.46
C ASP A 477 -6.58 -8.79 1.40
N LEU A 478 -7.00 -8.93 2.67
CA LEU A 478 -6.16 -9.63 3.66
C LEU A 478 -5.77 -11.02 3.16
N GLN A 479 -6.69 -11.70 2.47
CA GLN A 479 -6.40 -13.06 2.00
C GLN A 479 -5.23 -13.08 1.01
N ILE A 480 -5.11 -12.04 0.18
CA ILE A 480 -4.03 -11.99 -0.80
C ILE A 480 -2.66 -11.91 -0.13
N ALA A 481 -2.58 -11.18 0.98
CA ALA A 481 -1.31 -11.02 1.68
C ALA A 481 -1.03 -12.13 2.71
N TRP A 482 -2.03 -12.90 3.14
CA TRP A 482 -1.81 -13.80 4.29
C TRP A 482 -2.32 -15.23 4.10
N SER A 483 -3.34 -15.44 3.26
CA SER A 483 -3.96 -16.76 3.18
C SER A 483 -3.11 -17.73 2.35
N SER A 484 -3.23 -19.02 2.70
CA SER A 484 -2.29 -20.03 2.18
CA SER A 484 -2.31 -20.04 2.18
C SER A 484 -2.36 -20.13 0.65
N GLU A 485 -3.55 -20.05 0.07
CA GLU A 485 -3.59 -20.27 -1.38
C GLU A 485 -3.06 -19.08 -2.17
N TYR A 486 -2.94 -17.91 -1.54
CA TYR A 486 -2.40 -16.71 -2.20
C TYR A 486 -0.90 -16.54 -1.93
N ILE A 487 -0.21 -17.62 -1.54
CA ILE A 487 1.18 -17.56 -1.09
C ILE A 487 2.10 -16.97 -2.15
N ASN A 488 1.74 -17.03 -3.44
CA ASN A 488 2.61 -16.52 -4.50
C ASN A 488 2.10 -15.22 -5.09
N SER A 489 1.21 -14.52 -4.38
CA SER A 489 0.65 -13.26 -4.89
C SER A 489 1.69 -12.13 -4.96
N THR A 490 2.85 -12.30 -4.32
CA THR A 490 3.94 -11.34 -4.07
C THR A 490 3.62 -10.42 -2.89
N TYR A 491 2.49 -10.63 -2.18
CA TYR A 491 2.16 -9.82 -1.01
C TYR A 491 2.30 -10.57 0.31
N ASN A 492 2.62 -11.87 0.27
CA ASN A 492 2.82 -12.65 1.50
C ASN A 492 4.30 -12.58 1.84
N ALA A 493 4.66 -11.54 2.60
CA ALA A 493 6.07 -11.22 2.86
C ALA A 493 6.77 -12.30 3.69
N PRO A 494 6.16 -12.83 4.77
CA PRO A 494 6.85 -13.86 5.56
C PRO A 494 6.79 -15.26 4.95
N GLY A 495 5.89 -15.51 3.99
CA GLY A 495 5.74 -16.85 3.46
C GLY A 495 4.90 -17.77 4.33
N VAL A 496 3.90 -17.22 5.02
CA VAL A 496 3.17 -18.02 6.01
C VAL A 496 2.00 -18.73 5.33
N GLN A 497 1.82 -19.99 5.70
CA GLN A 497 0.66 -20.77 5.30
C GLN A 497 0.12 -21.41 6.58
N SER A 498 -0.85 -20.75 7.21
CA SER A 498 -1.33 -21.15 8.52
C SER A 498 -2.83 -21.40 8.46
N PRO A 499 -3.31 -22.52 9.00
CA PRO A 499 -4.76 -22.74 9.05
C PRO A 499 -5.45 -21.83 10.04
N VAL A 500 -4.74 -21.32 11.05
CA VAL A 500 -5.34 -20.33 11.95
C VAL A 500 -5.63 -19.04 11.20
N ILE A 501 -4.64 -18.53 10.49
CA ILE A 501 -4.84 -17.33 9.67
C ILE A 501 -5.95 -17.55 8.65
N ASP A 502 -5.87 -18.68 7.92
CA ASP A 502 -6.85 -18.99 6.88
C ASP A 502 -8.28 -18.97 7.44
N SER A 503 -8.48 -19.63 8.59
CA SER A 503 -9.83 -19.71 9.15
C SER A 503 -10.38 -18.34 9.51
N LEU A 504 -9.56 -17.49 10.14
CA LEU A 504 -10.01 -16.15 10.54
C LEU A 504 -10.29 -15.28 9.31
N ILE A 505 -9.47 -15.40 8.27
CA ILE A 505 -9.68 -14.61 7.07
C ILE A 505 -10.86 -15.14 6.26
N ASN A 506 -11.06 -16.47 6.25
CA ASN A 506 -12.27 -17.00 5.65
C ASN A 506 -13.51 -16.42 6.31
N GLN A 507 -13.47 -16.25 7.64
CA GLN A 507 -14.59 -15.61 8.32
C GLN A 507 -14.69 -14.13 7.96
N ILE A 508 -13.55 -13.46 7.84
CA ILE A 508 -13.58 -12.05 7.47
C ILE A 508 -14.15 -11.87 6.06
N ILE A 509 -13.74 -12.72 5.09
CA ILE A 509 -14.26 -12.53 3.74
C ILE A 509 -15.72 -12.92 3.62
N ALA A 510 -16.26 -13.60 4.62
CA ALA A 510 -17.69 -13.92 4.69
C ALA A 510 -18.47 -12.90 5.51
N ALA A 511 -17.79 -11.89 6.05
CA ALA A 511 -18.45 -10.81 6.81
C ALA A 511 -18.23 -9.46 6.13
N GLN A 512 -17.99 -9.46 4.81
CA GLN A 512 -17.78 -8.22 4.07
C GLN A 512 -18.98 -7.30 4.24
N GLY A 513 -18.72 -6.01 4.44
CA GLY A 513 -19.77 -5.04 4.67
C GLY A 513 -20.43 -5.09 6.03
N ASN A 514 -20.00 -5.97 6.92
CA ASN A 514 -20.64 -6.09 8.24
C ASN A 514 -19.64 -5.67 9.32
N LYS A 515 -19.79 -4.42 9.78
CA LYS A 515 -18.86 -3.90 10.79
C LYS A 515 -18.95 -4.66 12.11
N GLU A 516 -20.17 -4.98 12.56
CA GLU A 516 -20.35 -5.62 13.86
C GLU A 516 -19.50 -6.88 13.97
N LYS A 517 -19.42 -7.66 12.88
CA LYS A 517 -18.65 -8.90 12.92
C LYS A 517 -17.16 -8.71 12.62
N LEU A 518 -16.81 -7.75 11.74
CA LEU A 518 -15.39 -7.54 11.42
C LEU A 518 -14.61 -6.98 12.60
N LEU A 519 -15.30 -6.35 13.55
CA LEU A 519 -14.64 -5.70 14.69
C LEU A 519 -13.88 -6.71 15.58
N PRO A 520 -14.51 -7.76 16.13
CA PRO A 520 -13.70 -8.76 16.85
C PRO A 520 -12.85 -9.64 15.92
N LEU A 521 -13.26 -9.83 14.65
CA LEU A 521 -12.44 -10.63 13.73
C LEU A 521 -11.11 -9.94 13.41
N GLY A 522 -11.13 -8.62 13.24
CA GLY A 522 -9.89 -7.92 12.94
C GLY A 522 -8.92 -7.96 14.11
N ARG A 523 -9.43 -7.69 15.32
CA ARG A 523 -8.60 -7.77 16.53
C ARG A 523 -8.03 -9.17 16.73
N ALA A 524 -8.87 -10.18 16.54
CA ALA A 524 -8.41 -11.56 16.68
C ALA A 524 -7.28 -11.85 15.67
N LEU A 525 -7.46 -11.44 14.41
CA LEU A 525 -6.40 -11.64 13.43
C LEU A 525 -5.13 -10.90 13.82
N ASP A 526 -5.30 -9.67 14.32
CA ASP A 526 -4.15 -8.87 14.74
C ASP A 526 -3.33 -9.62 15.79
N ARG A 527 -3.99 -10.21 16.79
CA ARG A 527 -3.32 -11.01 17.80
C ARG A 527 -2.51 -12.16 17.16
N VAL A 528 -3.12 -12.89 16.22
CA VAL A 528 -2.42 -14.03 15.61
C VAL A 528 -1.20 -13.57 14.83
N LEU A 529 -1.35 -12.51 14.03
CA LEU A 529 -0.25 -12.02 13.20
C LEU A 529 0.89 -11.45 14.04
N THR A 530 0.54 -10.68 15.10
CA THR A 530 1.58 -10.05 15.92
C THR A 530 2.28 -11.07 16.82
N TRP A 531 1.51 -11.91 17.53
CA TRP A 531 2.10 -12.80 18.53
C TRP A 531 2.97 -13.90 17.90
N ASN A 532 2.76 -14.23 16.62
CA ASN A 532 3.62 -15.19 15.95
C ASN A 532 4.94 -14.61 15.45
N TYR A 533 5.14 -13.30 15.54
CA TYR A 533 6.41 -12.68 15.16
C TYR A 533 6.78 -13.01 13.71
N TYR A 534 5.78 -13.02 12.83
CA TYR A 534 6.05 -13.21 11.40
C TYR A 534 6.94 -12.12 10.86
N LEU A 536 9.16 -8.25 12.04
CA LEU A 536 9.74 -7.49 13.13
C LEU A 536 9.22 -6.05 13.03
N PRO A 537 8.47 -5.55 14.03
CA PRO A 537 7.88 -4.21 13.93
C PRO A 537 8.93 -3.10 13.97
N TRP A 539 8.59 1.19 12.73
CA TRP A 539 7.98 2.44 13.20
C TRP A 539 7.03 3.03 12.16
N TYR A 540 6.28 4.04 12.61
CA TYR A 540 5.41 4.89 11.82
C TYR A 540 5.30 6.23 12.54
N ALA A 542 2.07 9.34 12.96
CA ALA A 542 0.79 9.93 12.55
C ALA A 542 0.92 11.39 12.19
N GLU A 543 2.00 11.77 11.53
CA GLU A 543 2.21 13.11 10.99
C GLU A 543 2.57 13.00 9.52
N ASP A 544 2.07 13.92 8.73
CA ASP A 544 2.53 14.11 7.36
C ASP A 544 3.46 15.31 7.35
N ARG A 545 4.74 15.06 7.10
CA ARG A 545 5.77 16.09 6.99
C ARG A 545 6.00 16.35 5.51
N LEU A 546 5.59 17.55 5.05
CA LEU A 546 5.65 17.94 3.65
C LEU A 546 6.38 19.26 3.50
N ALA A 547 7.06 19.42 2.36
CA ALA A 547 7.67 20.68 2.01
C ALA A 547 7.44 20.92 0.52
N TRP A 548 7.23 22.18 0.14
CA TRP A 548 7.12 22.46 -1.29
C TRP A 548 7.56 23.88 -1.60
N TRP A 549 8.10 24.05 -2.80
CA TRP A 549 8.30 25.39 -3.36
C TRP A 549 6.97 26.11 -3.49
N ASP A 550 6.96 27.41 -3.15
CA ASP A 550 5.73 28.19 -2.93
C ASP A 550 5.18 28.71 -4.26
N LYS A 551 4.63 27.76 -5.03
CA LYS A 551 4.04 28.07 -6.34
C LYS A 551 2.64 27.48 -6.48
N PHE A 552 2.07 26.98 -5.37
CA PHE A 552 0.80 26.26 -5.40
C PHE A 552 -0.19 26.88 -4.42
N SER A 553 -1.47 26.71 -4.71
CA SER A 553 -2.51 26.95 -3.71
C SER A 553 -3.33 25.68 -3.55
N GLN A 554 -4.11 25.63 -2.48
CA GLN A 554 -4.76 24.40 -2.04
C GLN A 554 -6.17 24.72 -1.56
N PRO A 555 -7.08 23.74 -1.66
CA PRO A 555 -8.40 23.93 -1.05
C PRO A 555 -8.28 24.09 0.46
N ALA A 556 -9.30 24.72 1.07
CA ALA A 556 -9.30 24.91 2.52
C ALA A 556 -9.25 23.57 3.27
N VAL A 557 -9.82 22.51 2.70
CA VAL A 557 -9.92 21.22 3.39
C VAL A 557 -9.04 20.19 2.70
N ARG A 558 -8.25 19.45 3.50
CA ARG A 558 -7.41 18.35 3.07
C ARG A 558 -8.14 17.03 3.28
N PRO A 559 -8.11 16.10 2.32
CA PRO A 559 -8.82 14.84 2.52
C PRO A 559 -8.17 13.95 3.58
N ILE A 560 -9.00 13.12 4.22
CA ILE A 560 -8.55 12.30 5.35
C ILE A 560 -7.51 11.26 4.91
N TYR A 561 -7.73 10.64 3.74
CA TYR A 561 -6.98 9.44 3.36
C TYR A 561 -5.94 9.67 2.28
N SER A 562 -5.65 10.93 1.93
CA SER A 562 -4.51 11.22 1.07
C SER A 562 -4.12 12.67 1.28
N LEU A 563 -3.00 13.05 0.68
CA LEU A 563 -2.56 14.43 0.80
C LEU A 563 -3.34 15.37 -0.12
N GLY A 564 -4.07 14.83 -1.11
CA GLY A 564 -4.88 15.67 -1.97
C GLY A 564 -4.11 16.52 -2.96
N ILE A 565 -2.90 16.09 -3.35
CA ILE A 565 -2.13 16.90 -4.30
C ILE A 565 -2.89 17.08 -5.61
N ASP A 566 -3.69 16.08 -5.99
CA ASP A 566 -4.41 16.23 -7.26
C ASP A 566 -5.48 17.31 -7.21
N THR A 567 -5.76 17.86 -6.02
CA THR A 567 -6.62 19.05 -5.88
C THR A 567 -5.85 20.36 -5.89
N TRP A 568 -4.51 20.32 -5.89
CA TRP A 568 -3.77 21.56 -5.87
C TRP A 568 -3.78 22.21 -7.25
N TRP A 569 -3.38 23.48 -7.30
CA TRP A 569 -3.27 24.15 -8.59
C TRP A 569 -2.09 25.09 -8.59
N TYR A 570 -1.68 25.46 -9.81
CA TYR A 570 -0.56 26.36 -10.01
C TYR A 570 -1.03 27.79 -9.74
N ASP A 571 -0.36 28.47 -8.81
CA ASP A 571 -0.74 29.82 -8.39
C ASP A 571 0.24 30.79 -9.04
N VAL A 572 -0.24 31.51 -10.07
CA VAL A 572 0.66 32.34 -10.87
C VAL A 572 1.18 33.52 -10.05
N ASN A 573 0.42 33.97 -9.06
CA ASN A 573 0.90 35.09 -8.23
C ASN A 573 1.98 34.63 -7.26
N LYS A 574 1.84 33.45 -6.64
CA LYS A 574 2.89 32.94 -5.78
C LYS A 574 4.14 32.55 -6.59
N ALA A 575 3.94 31.91 -7.75
CA ALA A 575 5.09 31.49 -8.58
C ALA A 575 5.93 32.69 -9.00
N ALA A 576 5.27 33.82 -9.27
CA ALA A 576 5.96 35.01 -9.76
C ALA A 576 6.99 35.55 -8.78
N LYS A 577 6.88 35.21 -7.49
CA LYS A 577 7.81 35.67 -6.46
C LYS A 577 9.05 34.79 -6.31
N LEU A 578 9.11 33.63 -6.99
CA LEU A 578 10.23 32.70 -6.97
C LEU A 578 11.21 33.00 -8.11
N PRO A 579 12.48 32.59 -7.97
CA PRO A 579 13.40 32.70 -9.11
C PRO A 579 13.08 31.68 -10.21
N ARG B 2 -5.38 -7.25 -5.97
CA ARG B 2 -5.89 -8.24 -6.83
C ARG B 2 -5.47 -8.03 -8.28
N THR B 3 -5.16 -6.76 -8.81
CA THR B 3 -4.99 -6.52 -10.11
C THR B 3 -3.45 -6.39 -10.54
N GLY B 4 -2.51 -6.13 -9.49
CA GLY B 4 -1.12 -5.96 -9.83
C GLY B 4 -0.13 -6.59 -8.72
N ASN B 5 1.25 -6.85 -9.18
CA ASN B 5 2.19 -7.40 -8.31
C ASN B 5 2.72 -6.26 -7.43
N ALA B 6 3.23 -6.64 -6.07
CA ALA B 6 3.75 -5.56 -5.17
C ALA B 6 4.92 -4.83 -5.93
#